data_1S1E
#
_entry.id   1S1E
#
_cell.length_a   50.133
_cell.length_b   50.133
_cell.length_c   177.329
_cell.angle_alpha   90.00
_cell.angle_beta   90.00
_cell.angle_gamma   90.00
#
_symmetry.space_group_name_H-M   'P 41 21 2'
#
loop_
_entity.id
_entity.type
_entity.pdbx_description
1 polymer 'Kv channel interacting protein 1'
2 non-polymer 'CALCIUM ION'
3 water water
#
_entity_poly.entity_id   1
_entity_poly.type   'polypeptide(L)'
_entity_poly.pdbx_seq_one_letter_code
;MGAVMGTFSSLQTKQRRPSKDKIEDELEMTMVCHRPEGLEQLEAQTNFTKRELQVLYRGFKNECPSGVVNEETFKQIYAQ
FFPHGDASTYAHYLFNAFDTTQTGSVKFEDFVTALSILLRGTVHEKLRWTFNLYDINKDGYINKEEMMDIVKAIYDMMGK
YTYPVLKEDTPRQHVDVFFQKMDKNKDGIVTLDEFLESCQEDDNIMRSLQLFQNVMVEHHHHHH
;
_entity_poly.pdbx_strand_id   A
#
loop_
_chem_comp.id
_chem_comp.type
_chem_comp.name
_chem_comp.formula
CA non-polymer 'CALCIUM ION' 'Ca 2'
#
# COMPACT_ATOMS: atom_id res chain seq x y z
N GLY A 38 -20.11 16.91 -0.31
CA GLY A 38 -20.31 15.55 0.27
C GLY A 38 -19.41 15.28 1.46
N LEU A 39 -19.16 16.31 2.25
CA LEU A 39 -18.31 16.18 3.43
C LEU A 39 -19.05 15.38 4.50
N GLU A 40 -20.38 15.48 4.50
CA GLU A 40 -21.20 14.75 5.46
C GLU A 40 -21.28 13.29 5.07
N GLN A 41 -21.25 13.03 3.76
CA GLN A 41 -21.31 11.68 3.26
C GLN A 41 -19.93 11.07 3.45
N LEU A 42 -18.92 11.92 3.32
CA LEU A 42 -17.53 11.49 3.46
C LEU A 42 -17.25 11.14 4.92
N GLU A 43 -17.73 11.98 5.82
CA GLU A 43 -17.54 11.75 7.25
C GLU A 43 -18.22 10.47 7.70
N ALA A 44 -19.37 10.18 7.12
CA ALA A 44 -20.11 8.98 7.48
C ALA A 44 -19.42 7.71 7.02
N GLN A 45 -18.61 7.81 5.97
CA GLN A 45 -17.92 6.64 5.41
C GLN A 45 -16.50 6.39 5.90
N THR A 46 -15.91 7.37 6.59
CA THR A 46 -14.53 7.22 7.07
C THR A 46 -14.43 7.43 8.58
N ASN A 47 -13.21 7.30 9.09
CA ASN A 47 -12.95 7.45 10.51
C ASN A 47 -12.57 8.86 10.90
N PHE A 48 -13.07 9.85 10.17
CA PHE A 48 -12.73 11.25 10.45
C PHE A 48 -13.94 12.13 10.76
N THR A 49 -13.74 13.12 11.61
CA THR A 49 -14.80 14.06 11.95
C THR A 49 -14.84 15.14 10.89
N LYS A 50 -15.84 16.00 10.95
CA LYS A 50 -15.98 17.07 9.98
C LYS A 50 -14.83 18.06 9.98
N ARG A 51 -14.35 18.43 11.17
CA ARG A 51 -13.27 19.40 11.24
C ARG A 51 -11.91 18.76 10.92
N GLU A 52 -11.79 17.46 11.10
CA GLU A 52 -10.55 16.78 10.78
C GLU A 52 -10.46 16.71 9.26
N LEU A 53 -11.61 16.56 8.61
CA LEU A 53 -11.68 16.48 7.17
C LEU A 53 -11.26 17.81 6.55
N GLN A 54 -11.58 18.92 7.22
CA GLN A 54 -11.20 20.23 6.72
C GLN A 54 -9.69 20.45 6.85
N VAL A 55 -9.11 19.93 7.93
CA VAL A 55 -7.68 20.05 8.13
C VAL A 55 -6.97 19.21 7.07
N LEU A 56 -7.60 18.11 6.67
CA LEU A 56 -7.04 17.22 5.66
C LEU A 56 -7.13 17.85 4.28
N TYR A 57 -8.25 18.51 4.02
CA TYR A 57 -8.46 19.17 2.75
C TYR A 57 -7.41 20.27 2.58
N ARG A 58 -7.26 21.09 3.62
CA ARG A 58 -6.31 22.19 3.61
C ARG A 58 -4.92 21.68 3.22
N GLY A 59 -4.50 20.58 3.84
CA GLY A 59 -3.19 20.03 3.54
C GLY A 59 -3.12 19.46 2.13
N PHE A 60 -4.26 18.95 1.68
CA PHE A 60 -4.38 18.33 0.35
C PHE A 60 -4.17 19.36 -0.76
N LYS A 61 -4.89 20.47 -0.69
CA LYS A 61 -4.76 21.53 -1.68
C LYS A 61 -3.37 22.16 -1.60
N ASN A 62 -2.86 22.24 -0.38
CA ASN A 62 -1.55 22.82 -0.14
C ASN A 62 -0.51 22.11 -1.00
N GLU A 63 -0.70 20.81 -1.16
CA GLU A 63 0.21 20.00 -1.95
C GLU A 63 -0.29 19.76 -3.38
N CYS A 64 -1.60 19.87 -3.58
CA CYS A 64 -2.22 19.65 -4.88
C CYS A 64 -3.19 20.76 -5.22
N PRO A 65 -2.66 21.91 -5.68
CA PRO A 65 -3.41 23.12 -6.06
C PRO A 65 -4.61 22.91 -6.97
N SER A 66 -4.50 22.01 -7.94
CA SER A 66 -5.59 21.76 -8.86
C SER A 66 -6.73 20.96 -8.20
N GLY A 67 -6.48 20.47 -6.99
CA GLY A 67 -7.50 19.71 -6.31
C GLY A 67 -7.46 18.21 -6.58
N VAL A 68 -6.59 17.78 -7.50
CA VAL A 68 -6.48 16.36 -7.78
C VAL A 68 -5.01 15.99 -7.90
N VAL A 69 -4.72 14.70 -7.74
CA VAL A 69 -3.36 14.20 -7.80
C VAL A 69 -3.18 13.22 -8.95
N ASN A 70 -2.20 13.48 -9.81
CA ASN A 70 -1.93 12.55 -10.89
C ASN A 70 -0.78 11.68 -10.45
N GLU A 71 -0.42 10.70 -11.25
CA GLU A 71 0.63 9.77 -10.88
C GLU A 71 1.97 10.42 -10.57
N GLU A 72 2.47 11.26 -11.47
CA GLU A 72 3.76 11.94 -11.27
C GLU A 72 3.81 12.70 -9.97
N THR A 73 2.78 13.48 -9.71
CA THR A 73 2.72 14.24 -8.48
C THR A 73 2.81 13.28 -7.30
N PHE A 74 2.09 12.16 -7.41
CA PHE A 74 2.07 11.16 -6.36
C PHE A 74 3.43 10.52 -6.21
N LYS A 75 4.09 10.28 -7.33
CA LYS A 75 5.42 9.67 -7.31
C LYS A 75 6.44 10.64 -6.72
N GLN A 76 6.25 11.93 -6.99
CA GLN A 76 7.16 12.96 -6.49
C GLN A 76 7.06 13.02 -4.98
N ILE A 77 5.83 13.16 -4.49
CA ILE A 77 5.56 13.24 -3.06
C ILE A 77 6.08 12.01 -2.33
N TYR A 78 5.77 10.83 -2.86
CA TYR A 78 6.20 9.58 -2.23
C TYR A 78 7.71 9.40 -2.26
N ALA A 79 8.33 9.77 -3.37
CA ALA A 79 9.78 9.64 -3.51
C ALA A 79 10.55 10.09 -2.28
N GLN A 80 10.11 11.19 -1.68
CA GLN A 80 10.77 11.73 -0.50
C GLN A 80 10.87 10.80 0.69
N PHE A 81 9.93 9.88 0.85
CA PHE A 81 10.00 8.94 1.96
C PHE A 81 11.16 7.95 1.77
N PHE A 82 11.77 7.98 0.60
CA PHE A 82 12.88 7.07 0.27
C PHE A 82 13.94 7.69 -0.64
N PRO A 83 14.81 8.55 -0.09
CA PRO A 83 15.87 9.23 -0.85
C PRO A 83 17.06 8.35 -1.24
N HIS A 84 17.17 7.17 -0.64
CA HIS A 84 18.27 6.26 -0.95
C HIS A 84 17.93 5.21 -1.99
N GLY A 85 16.77 5.37 -2.62
CA GLY A 85 16.37 4.42 -3.64
C GLY A 85 15.46 5.04 -4.67
N ASP A 86 14.86 4.19 -5.49
CA ASP A 86 13.93 4.62 -6.51
C ASP A 86 12.58 4.01 -6.16
N ALA A 87 11.72 4.83 -5.55
CA ALA A 87 10.40 4.41 -5.10
C ALA A 87 9.28 4.68 -6.13
N SER A 88 9.66 5.11 -7.32
CA SER A 88 8.69 5.42 -8.35
C SER A 88 7.83 4.24 -8.77
N THR A 89 8.42 3.05 -8.92
CA THR A 89 7.62 1.89 -9.31
C THR A 89 6.65 1.47 -8.20
N TYR A 90 7.10 1.51 -6.93
CA TYR A 90 6.22 1.16 -5.83
C TYR A 90 5.14 2.24 -5.72
N ALA A 91 5.56 3.50 -5.86
CA ALA A 91 4.61 4.60 -5.78
C ALA A 91 3.56 4.40 -6.88
N HIS A 92 3.96 3.76 -7.98
CA HIS A 92 3.05 3.48 -9.07
C HIS A 92 1.94 2.54 -8.60
N TYR A 93 2.31 1.47 -7.91
CA TYR A 93 1.33 0.52 -7.42
C TYR A 93 0.49 1.17 -6.33
N LEU A 94 1.13 1.99 -5.52
CA LEU A 94 0.44 2.69 -4.44
C LEU A 94 -0.62 3.64 -5.02
N PHE A 95 -0.27 4.30 -6.12
CA PHE A 95 -1.18 5.23 -6.79
C PHE A 95 -2.46 4.53 -7.24
N ASN A 96 -2.32 3.42 -7.97
CA ASN A 96 -3.46 2.66 -8.48
C ASN A 96 -4.39 2.23 -7.35
N ALA A 97 -3.82 1.82 -6.22
CA ALA A 97 -4.61 1.40 -5.08
C ALA A 97 -5.42 2.57 -4.51
N PHE A 98 -4.90 3.79 -4.67
CA PHE A 98 -5.60 4.99 -4.20
C PHE A 98 -6.65 5.33 -5.23
N ASP A 99 -6.31 5.14 -6.50
CA ASP A 99 -7.20 5.46 -7.60
C ASP A 99 -8.23 4.33 -7.80
N THR A 100 -9.16 4.21 -6.86
CA THR A 100 -10.18 3.17 -6.92
C THR A 100 -11.10 3.30 -8.14
N THR A 101 -11.43 4.54 -8.51
CA THR A 101 -12.29 4.75 -9.66
C THR A 101 -11.53 4.49 -10.96
N GLN A 102 -10.25 4.18 -10.82
CA GLN A 102 -9.40 3.89 -11.99
C GLN A 102 -9.46 4.97 -13.05
N THR A 103 -9.55 6.22 -12.61
CA THR A 103 -9.61 7.36 -13.51
C THR A 103 -8.25 7.97 -13.82
N GLY A 104 -7.20 7.48 -13.17
CA GLY A 104 -5.87 8.04 -13.39
C GLY A 104 -5.75 9.35 -12.63
N SER A 105 -6.79 9.71 -11.89
CA SER A 105 -6.81 10.95 -11.13
C SER A 105 -7.35 10.74 -9.71
N VAL A 106 -6.51 10.91 -8.70
CA VAL A 106 -6.96 10.73 -7.32
C VAL A 106 -7.55 12.01 -6.72
N LYS A 107 -8.86 11.98 -6.47
CA LYS A 107 -9.57 13.11 -5.89
C LYS A 107 -9.33 13.13 -4.38
N PHE A 108 -9.81 14.17 -3.74
CA PHE A 108 -9.65 14.32 -2.30
C PHE A 108 -10.31 13.17 -1.55
N GLU A 109 -11.54 12.82 -1.91
CA GLU A 109 -12.20 11.74 -1.20
C GLU A 109 -11.44 10.44 -1.31
N ASP A 110 -10.85 10.16 -2.48
CA ASP A 110 -10.09 8.93 -2.67
C ASP A 110 -8.96 8.91 -1.68
N PHE A 111 -8.34 10.08 -1.58
CA PHE A 111 -7.21 10.31 -0.70
C PHE A 111 -7.56 10.07 0.76
N VAL A 112 -8.67 10.64 1.20
CA VAL A 112 -9.12 10.49 2.59
C VAL A 112 -9.60 9.08 2.86
N THR A 113 -10.30 8.51 1.89
CA THR A 113 -10.80 7.16 2.01
C THR A 113 -9.65 6.18 2.26
N ALA A 114 -8.52 6.37 1.58
CA ALA A 114 -7.38 5.47 1.80
C ALA A 114 -6.67 5.80 3.10
N LEU A 115 -6.65 7.08 3.45
CA LEU A 115 -6.01 7.49 4.69
C LEU A 115 -6.80 7.02 5.90
N SER A 116 -8.12 7.05 5.77
CA SER A 116 -9.01 6.62 6.85
C SER A 116 -8.61 5.21 7.29
N ILE A 117 -8.34 4.36 6.30
CA ILE A 117 -7.94 2.98 6.53
C ILE A 117 -6.48 2.88 7.00
N LEU A 118 -5.56 3.40 6.20
CA LEU A 118 -4.14 3.36 6.52
C LEU A 118 -3.77 4.02 7.83
N LEU A 119 -4.44 5.12 8.15
CA LEU A 119 -4.14 5.83 9.39
C LEU A 119 -4.86 5.29 10.63
N ARG A 120 -6.17 5.10 10.54
CA ARG A 120 -6.88 4.62 11.72
C ARG A 120 -7.82 3.44 11.49
N GLY A 121 -7.48 2.57 10.55
CA GLY A 121 -8.30 1.39 10.32
C GLY A 121 -7.83 0.28 11.24
N THR A 122 -8.55 -0.85 11.27
CA THR A 122 -8.16 -1.99 12.11
C THR A 122 -7.11 -2.80 11.37
N VAL A 123 -6.38 -3.63 12.10
CA VAL A 123 -5.34 -4.44 11.45
C VAL A 123 -5.99 -5.22 10.32
N HIS A 124 -7.19 -5.72 10.58
CA HIS A 124 -7.92 -6.49 9.58
C HIS A 124 -8.18 -5.65 8.34
N GLU A 125 -8.63 -4.41 8.54
CA GLU A 125 -8.91 -3.50 7.44
C GLU A 125 -7.65 -3.09 6.72
N LYS A 126 -6.59 -2.82 7.48
CA LYS A 126 -5.30 -2.43 6.90
C LYS A 126 -4.70 -3.56 6.03
N LEU A 127 -4.69 -4.79 6.56
CA LEU A 127 -4.17 -5.94 5.84
C LEU A 127 -4.98 -6.21 4.56
N ARG A 128 -6.27 -5.92 4.59
CA ARG A 128 -7.09 -6.16 3.42
C ARG A 128 -6.71 -5.16 2.34
N TRP A 129 -6.35 -3.97 2.78
CA TRP A 129 -5.95 -2.90 1.87
C TRP A 129 -4.65 -3.32 1.19
N THR A 130 -3.73 -3.84 1.98
CA THR A 130 -2.44 -4.28 1.46
C THR A 130 -2.61 -5.47 0.53
N PHE A 131 -3.43 -6.44 0.92
CA PHE A 131 -3.67 -7.60 0.06
C PHE A 131 -4.13 -7.10 -1.31
N ASN A 132 -5.10 -6.18 -1.31
CA ASN A 132 -5.63 -5.61 -2.55
C ASN A 132 -4.56 -4.91 -3.39
N LEU A 133 -3.58 -4.31 -2.73
CA LEU A 133 -2.49 -3.64 -3.44
C LEU A 133 -1.66 -4.67 -4.21
N TYR A 134 -1.30 -5.76 -3.53
CA TYR A 134 -0.51 -6.84 -4.13
C TYR A 134 -1.31 -7.60 -5.19
N ASP A 135 -2.62 -7.70 -5.01
CA ASP A 135 -3.45 -8.39 -5.99
C ASP A 135 -3.68 -7.44 -7.15
N ILE A 136 -2.62 -7.23 -7.93
CA ILE A 136 -2.63 -6.33 -9.07
C ILE A 136 -3.78 -6.53 -10.07
N ASN A 137 -4.05 -7.78 -10.45
CA ASN A 137 -5.11 -8.04 -11.41
C ASN A 137 -6.48 -8.18 -10.76
N LYS A 138 -6.56 -7.92 -9.46
CA LYS A 138 -7.81 -8.02 -8.73
C LYS A 138 -8.48 -9.38 -8.95
N ASP A 139 -7.65 -10.42 -8.93
CA ASP A 139 -8.05 -11.81 -9.10
C ASP A 139 -8.79 -12.26 -7.86
N GLY A 140 -8.30 -11.78 -6.72
CA GLY A 140 -8.85 -12.13 -5.43
C GLY A 140 -7.77 -12.97 -4.81
N TYR A 141 -6.69 -13.15 -5.58
CA TYR A 141 -5.55 -13.96 -5.16
C TYR A 141 -4.25 -13.31 -5.60
N ILE A 142 -3.15 -13.76 -4.99
CA ILE A 142 -1.82 -13.26 -5.32
C ILE A 142 -0.97 -14.40 -5.86
N ASN A 143 -0.42 -14.23 -7.06
CA ASN A 143 0.45 -15.26 -7.62
C ASN A 143 1.89 -14.82 -7.45
N LYS A 144 2.83 -15.71 -7.74
CA LYS A 144 4.24 -15.38 -7.61
C LYS A 144 4.62 -14.18 -8.48
N GLU A 145 4.08 -14.15 -9.70
CA GLU A 145 4.37 -13.06 -10.63
C GLU A 145 4.00 -11.70 -10.05
N GLU A 146 2.83 -11.61 -9.41
CA GLU A 146 2.37 -10.36 -8.82
C GLU A 146 3.23 -10.02 -7.60
N MET A 147 3.58 -11.04 -6.83
CA MET A 147 4.41 -10.88 -5.64
C MET A 147 5.75 -10.27 -6.06
N MET A 148 6.33 -10.85 -7.11
CA MET A 148 7.60 -10.40 -7.68
C MET A 148 7.56 -8.93 -8.05
N ASP A 149 6.58 -8.55 -8.86
CA ASP A 149 6.44 -7.16 -9.28
C ASP A 149 6.50 -6.20 -8.10
N ILE A 150 5.62 -6.41 -7.13
CA ILE A 150 5.58 -5.55 -5.95
C ILE A 150 6.88 -5.57 -5.17
N VAL A 151 7.41 -6.77 -4.93
CA VAL A 151 8.65 -6.92 -4.16
C VAL A 151 9.85 -6.34 -4.90
N LYS A 152 9.90 -6.48 -6.22
CA LYS A 152 10.99 -5.92 -6.98
C LYS A 152 10.88 -4.41 -6.82
N ALA A 153 9.67 -3.89 -6.73
CA ALA A 153 9.48 -2.45 -6.55
C ALA A 153 9.97 -2.00 -5.17
N ILE A 154 9.74 -2.82 -4.15
CA ILE A 154 10.17 -2.50 -2.80
C ILE A 154 11.70 -2.52 -2.67
N TYR A 155 12.34 -3.51 -3.28
CA TYR A 155 13.79 -3.56 -3.25
C TYR A 155 14.41 -2.32 -3.90
N ASP A 156 13.88 -1.93 -5.07
CA ASP A 156 14.38 -0.76 -5.76
C ASP A 156 14.18 0.48 -4.91
N MET A 157 13.07 0.50 -4.17
CA MET A 157 12.74 1.64 -3.32
C MET A 157 13.70 1.77 -2.14
N MET A 158 14.06 0.64 -1.53
CA MET A 158 14.97 0.64 -0.40
C MET A 158 16.43 0.66 -0.81
N GLY A 159 16.67 0.53 -2.11
CA GLY A 159 18.04 0.54 -2.60
C GLY A 159 18.87 -0.55 -1.95
N LYS A 160 20.07 -0.22 -1.53
CA LYS A 160 20.95 -1.20 -0.91
C LYS A 160 20.82 -1.18 0.60
N TYR A 161 19.92 -0.33 1.09
CA TYR A 161 19.73 -0.24 2.54
C TYR A 161 18.45 -0.93 2.97
N THR A 162 18.12 -2.01 2.26
CA THR A 162 16.95 -2.81 2.57
C THR A 162 17.34 -3.66 3.77
N TYR A 163 17.44 -2.99 4.92
CA TYR A 163 17.80 -3.58 6.21
C TYR A 163 17.08 -4.91 6.46
N PRO A 164 17.15 -5.45 7.71
CA PRO A 164 16.45 -6.71 7.96
C PRO A 164 14.97 -6.66 7.60
N VAL A 165 14.48 -5.47 7.31
CA VAL A 165 13.08 -5.27 6.93
C VAL A 165 12.75 -6.34 5.90
N LEU A 166 13.66 -6.52 4.95
CA LEU A 166 13.53 -7.51 3.90
C LEU A 166 14.84 -8.24 3.68
N LYS A 167 15.14 -9.21 4.55
CA LYS A 167 16.36 -9.99 4.41
C LYS A 167 16.34 -10.68 3.04
N GLU A 168 17.39 -11.45 2.74
CA GLU A 168 17.50 -12.14 1.45
C GLU A 168 18.02 -11.17 0.40
N ASP A 169 19.11 -11.57 -0.25
CA ASP A 169 19.77 -10.75 -1.25
C ASP A 169 18.89 -10.25 -2.38
N THR A 170 18.12 -11.15 -2.97
CA THR A 170 17.28 -10.78 -4.08
C THR A 170 15.79 -10.86 -3.81
N PRO A 171 15.00 -10.14 -4.62
CA PRO A 171 13.54 -10.11 -4.50
C PRO A 171 13.00 -11.52 -4.78
N ARG A 172 13.62 -12.20 -5.75
CA ARG A 172 13.24 -13.55 -6.14
C ARG A 172 13.37 -14.54 -4.98
N GLN A 173 14.39 -14.33 -4.16
CA GLN A 173 14.62 -15.19 -3.01
C GLN A 173 13.65 -14.90 -1.88
N HIS A 174 13.26 -13.64 -1.75
CA HIS A 174 12.33 -13.23 -0.71
C HIS A 174 10.93 -13.69 -1.07
N VAL A 175 10.57 -13.55 -2.33
CA VAL A 175 9.26 -13.97 -2.83
C VAL A 175 9.04 -15.47 -2.67
N ASP A 176 10.07 -16.26 -2.91
CA ASP A 176 9.96 -17.70 -2.76
C ASP A 176 9.78 -18.07 -1.30
N VAL A 177 10.52 -17.39 -0.42
CA VAL A 177 10.42 -17.62 1.02
C VAL A 177 9.08 -17.10 1.55
N PHE A 178 8.56 -16.06 0.91
CA PHE A 178 7.28 -15.50 1.30
C PHE A 178 6.14 -16.47 0.97
N PHE A 179 6.13 -16.95 -0.27
CA PHE A 179 5.11 -17.88 -0.72
C PHE A 179 5.12 -19.21 0.02
N GLN A 180 6.31 -19.73 0.26
CA GLN A 180 6.45 -21.00 0.96
C GLN A 180 5.69 -20.92 2.28
N LYS A 181 5.92 -19.83 3.01
CA LYS A 181 5.30 -19.60 4.30
C LYS A 181 3.81 -19.29 4.26
N MET A 182 3.40 -18.55 3.23
CA MET A 182 2.01 -18.14 3.14
C MET A 182 1.07 -19.05 2.35
N ASP A 183 1.55 -19.67 1.28
CA ASP A 183 0.70 -20.56 0.48
C ASP A 183 0.55 -21.93 1.15
N LYS A 184 -0.27 -21.96 2.21
CA LYS A 184 -0.49 -23.17 2.99
C LYS A 184 -0.91 -24.46 2.31
N ASN A 185 -1.78 -24.40 1.30
CA ASN A 185 -2.20 -25.62 0.62
C ASN A 185 -1.33 -25.88 -0.61
N LYS A 186 -0.32 -25.03 -0.78
CA LYS A 186 0.65 -25.14 -1.85
C LYS A 186 0.11 -25.27 -3.26
N ASP A 187 -0.86 -24.45 -3.61
CA ASP A 187 -1.42 -24.48 -4.95
C ASP A 187 -0.85 -23.31 -5.76
N GLY A 188 0.26 -22.76 -5.27
CA GLY A 188 0.91 -21.64 -5.94
C GLY A 188 0.16 -20.34 -5.89
N ILE A 189 -0.92 -20.30 -5.10
CA ILE A 189 -1.75 -19.11 -4.98
C ILE A 189 -1.94 -18.72 -3.53
N VAL A 190 -1.97 -17.41 -3.25
CA VAL A 190 -2.19 -16.93 -1.89
C VAL A 190 -3.52 -16.21 -1.89
N THR A 191 -4.46 -16.71 -1.11
CA THR A 191 -5.78 -16.11 -1.02
C THR A 191 -5.80 -15.10 0.10
N LEU A 192 -6.88 -14.35 0.21
CA LEU A 192 -6.95 -13.36 1.26
C LEU A 192 -6.80 -14.05 2.62
N ASP A 193 -7.51 -15.16 2.80
CA ASP A 193 -7.49 -15.89 4.05
C ASP A 193 -6.11 -16.45 4.42
N GLU A 194 -5.37 -16.97 3.45
CA GLU A 194 -4.03 -17.49 3.73
C GLU A 194 -3.17 -16.30 4.16
N PHE A 195 -3.39 -15.17 3.50
CA PHE A 195 -2.67 -13.93 3.77
C PHE A 195 -2.92 -13.44 5.20
N LEU A 196 -4.18 -13.42 5.62
CA LEU A 196 -4.51 -12.96 6.96
C LEU A 196 -3.97 -13.89 8.02
N GLU A 197 -4.15 -15.20 7.84
CA GLU A 197 -3.66 -16.17 8.82
C GLU A 197 -2.15 -16.05 8.99
N SER A 198 -1.42 -16.03 7.87
CA SER A 198 0.02 -15.92 7.93
C SER A 198 0.45 -14.67 8.72
N CYS A 199 -0.17 -13.54 8.41
CA CYS A 199 0.14 -12.29 9.09
C CYS A 199 -0.23 -12.33 10.55
N GLN A 200 -1.36 -12.98 10.84
CA GLN A 200 -1.83 -13.08 12.22
C GLN A 200 -0.91 -13.93 13.06
N GLU A 201 -0.32 -14.95 12.43
CA GLU A 201 0.56 -15.88 13.13
C GLU A 201 2.04 -15.53 13.03
N ASP A 202 2.35 -14.38 12.41
CA ASP A 202 3.74 -13.97 12.25
C ASP A 202 3.89 -12.45 12.18
N ASP A 203 4.39 -11.85 13.24
CA ASP A 203 4.58 -10.40 13.29
C ASP A 203 5.59 -9.93 12.23
N ASN A 204 6.48 -10.83 11.84
CA ASN A 204 7.51 -10.53 10.85
C ASN A 204 6.95 -10.35 9.44
N ILE A 205 6.10 -11.28 9.02
CA ILE A 205 5.49 -11.24 7.70
C ILE A 205 4.69 -9.96 7.53
N MET A 206 3.92 -9.62 8.56
CA MET A 206 3.09 -8.42 8.53
C MET A 206 3.90 -7.16 8.22
N ARG A 207 4.96 -6.92 8.99
CA ARG A 207 5.82 -5.75 8.81
C ARG A 207 6.37 -5.62 7.39
N SER A 208 6.98 -6.69 6.89
CA SER A 208 7.54 -6.69 5.53
C SER A 208 6.51 -6.29 4.48
N LEU A 209 5.24 -6.34 4.87
CA LEU A 209 4.14 -5.99 3.97
C LEU A 209 3.64 -4.58 4.24
N GLN A 210 3.29 -4.31 5.50
CA GLN A 210 2.75 -3.03 5.93
C GLN A 210 3.71 -1.83 6.00
N LEU A 211 4.91 -2.08 6.52
CA LEU A 211 5.93 -1.03 6.69
C LEU A 211 5.79 0.15 5.73
N PHE A 212 5.74 -0.15 4.44
CA PHE A 212 5.65 0.86 3.38
C PHE A 212 4.33 1.65 3.31
N GLN A 213 3.25 1.07 3.82
CA GLN A 213 1.96 1.76 3.83
C GLN A 213 1.94 2.73 5.02
N ASN A 214 2.66 2.37 6.07
CA ASN A 214 2.73 3.17 7.29
C ASN A 214 3.50 4.47 7.14
N VAL A 215 4.65 4.41 6.47
CA VAL A 215 5.48 5.59 6.26
C VAL A 215 4.64 6.81 5.85
N MET A 216 3.49 6.55 5.24
CA MET A 216 2.60 7.61 4.78
C MET A 216 1.70 8.19 5.86
N VAL A 217 1.28 7.34 6.79
CA VAL A 217 0.41 7.77 7.86
C VAL A 217 1.17 8.17 9.12
N GLU A 218 2.47 8.40 8.96
CA GLU A 218 3.29 8.84 10.07
C GLU A 218 2.78 10.21 10.52
CA CA B . -4.22 -11.61 -8.60
CA CA C . -2.89 -21.38 -1.68
#